data_2GC1
#
_entry.id   2GC1
#
_cell.length_a   42.311
_cell.length_b   72.857
_cell.length_c   71.640
_cell.angle_alpha   90.00
_cell.angle_beta   103.57
_cell.angle_gamma   90.00
#
_symmetry.space_group_name_H-M   'P 1 21 1'
#
loop_
_entity.id
_entity.type
_entity.pdbx_description
1 polymer 'Glucose-6-phosphate isomerase'
2 non-polymer D-SORBITOL-6-PHOSPHATE
3 non-polymer 'ZINC ION'
4 water water
#
_entity_poly.entity_id   1
_entity_poly.type   'polypeptide(L)'
_entity_poly.pdbx_seq_one_letter_code
;MMYKEPFGVKVDFETGIIEGAKKSVRRLSDMEGYFVDERAWKELVEKEDPVVYEVYAVEQEEKEGDLNFATTVLYPGKVG
KEFFFTKGHFHAKLDRAEVYVALKGKGGMLLQTPEGDAKWISMEPGTVVYVPPYWAHRTVNIGDEPFIFLAIYPADAGHD
YGTIAEKGFSKIVIEENGEVKVVDNPRW
;
_entity_poly.pdbx_strand_id   A,B
#
# COMPACT_ATOMS: atom_id res chain seq x y z
N MET A 1 8.96 -5.87 26.80
CA MET A 1 9.36 -5.86 25.37
C MET A 1 9.50 -4.44 24.81
N MET A 2 10.41 -4.27 23.86
CA MET A 2 10.63 -2.99 23.19
C MET A 2 9.78 -2.89 21.93
N TYR A 3 8.98 -1.83 21.83
CA TYR A 3 8.12 -1.61 20.68
C TYR A 3 8.59 -0.44 19.82
N LYS A 4 8.53 -0.61 18.51
CA LYS A 4 8.91 0.44 17.58
C LYS A 4 7.84 1.53 17.61
N GLU A 5 8.22 2.73 17.23
CA GLU A 5 7.28 3.84 17.24
C GLU A 5 6.41 3.86 15.97
N PRO A 6 5.07 3.84 16.12
CA PRO A 6 4.17 4.13 15.00
C PRO A 6 4.42 5.54 14.48
N PHE A 7 4.26 5.74 13.17
CA PHE A 7 4.46 7.06 12.58
C PHE A 7 3.62 7.26 11.33
N GLY A 8 3.27 8.51 11.08
CA GLY A 8 2.61 8.92 9.86
C GLY A 8 3.60 9.75 9.06
N VAL A 9 3.59 9.57 7.74
CA VAL A 9 4.35 10.44 6.85
C VAL A 9 3.54 10.80 5.62
N LYS A 10 3.69 12.04 5.15
CA LYS A 10 3.02 12.51 3.95
C LYS A 10 3.74 12.02 2.69
N VAL A 11 2.96 11.41 1.79
CA VAL A 11 3.40 11.14 0.44
C VAL A 11 2.62 12.08 -0.46
N ASP A 12 3.35 12.82 -1.28
CA ASP A 12 2.75 13.72 -2.25
C ASP A 12 2.44 12.90 -3.50
N PHE A 13 1.14 12.67 -3.75
CA PHE A 13 0.70 11.85 -4.88
C PHE A 13 1.04 12.49 -6.24
N GLU A 14 1.37 13.78 -6.20
CA GLU A 14 1.73 14.53 -7.39
C GLU A 14 3.21 14.44 -7.74
N THR A 15 4.07 14.25 -6.74
CA THR A 15 5.52 14.25 -6.97
C THR A 15 6.19 12.94 -6.58
N GLY A 16 5.52 12.14 -5.75
CA GLY A 16 6.07 10.88 -5.24
C GLY A 16 7.04 11.03 -4.08
N ILE A 17 7.25 12.28 -3.65
CA ILE A 17 8.26 12.58 -2.64
C ILE A 17 7.77 12.23 -1.24
N ILE A 18 8.61 11.53 -0.49
CA ILE A 18 8.37 11.23 0.91
C ILE A 18 9.49 11.88 1.72
N GLU A 19 9.13 12.86 2.55
CA GLU A 19 10.10 13.51 3.43
C GLU A 19 10.71 12.50 4.40
N GLY A 20 12.04 12.49 4.48
CA GLY A 20 12.74 11.65 5.44
C GLY A 20 13.03 10.26 4.93
N ALA A 21 12.67 10.02 3.66
CA ALA A 21 12.92 8.74 3.01
C ALA A 21 14.33 8.66 2.44
N LYS A 22 14.87 7.45 2.37
CA LYS A 22 16.10 7.18 1.66
C LYS A 22 15.84 7.34 0.16
N LYS A 23 16.45 8.37 -0.43
CA LYS A 23 16.29 8.66 -1.85
C LYS A 23 17.39 7.99 -2.67
N SER A 24 16.96 7.29 -3.72
CA SER A 24 17.85 6.54 -4.58
C SER A 24 17.67 7.01 -6.01
N VAL A 25 18.77 7.09 -6.77
CA VAL A 25 18.74 7.63 -8.12
C VAL A 25 19.38 6.67 -9.13
N ARG A 26 18.62 6.36 -10.19
CA ARG A 26 19.09 5.50 -11.27
C ARG A 26 19.17 6.29 -12.56
N ARG A 27 20.40 6.54 -12.99
CA ARG A 27 20.69 7.20 -14.25
C ARG A 27 20.73 6.16 -15.37
N LEU A 28 20.57 6.60 -16.61
CA LEU A 28 20.65 5.70 -17.76
C LEU A 28 22.00 4.95 -17.84
N SER A 29 23.08 5.63 -17.43
CA SER A 29 24.42 5.05 -17.44
C SER A 29 24.56 3.86 -16.49
N ASP A 30 23.69 3.80 -15.50
CA ASP A 30 23.64 2.71 -14.55
C ASP A 30 22.91 1.48 -15.11
N MET A 31 22.37 1.60 -16.31
CA MET A 31 21.58 0.52 -16.89
C MET A 31 22.17 -0.03 -18.20
N GLU A 32 23.49 -0.20 -18.22
CA GLU A 32 24.16 -0.88 -19.33
C GLU A 32 23.66 -2.31 -19.44
N GLY A 33 23.43 -2.76 -20.67
CA GLY A 33 22.98 -4.12 -20.94
C GLY A 33 21.55 -4.41 -20.51
N TYR A 34 20.73 -3.35 -20.43
CA TYR A 34 19.32 -3.46 -20.09
C TYR A 34 18.36 -3.23 -21.26
N PHE A 35 18.75 -2.35 -22.18
CA PHE A 35 17.89 -1.99 -23.31
C PHE A 35 18.31 -2.69 -24.60
N VAL A 36 17.34 -2.96 -25.47
CA VAL A 36 17.59 -3.72 -26.69
C VAL A 36 18.56 -2.99 -27.62
N ASP A 37 18.31 -1.70 -27.84
CA ASP A 37 19.12 -0.87 -28.73
C ASP A 37 20.34 -0.29 -27.99
N GLU A 38 21.48 -0.97 -28.13
CA GLU A 38 22.71 -0.62 -27.41
C GLU A 38 23.30 0.69 -27.89
N ARG A 39 23.22 0.95 -29.19
CA ARG A 39 23.78 2.16 -29.74
C ARG A 39 22.95 3.39 -29.37
N ALA A 40 21.64 3.21 -29.28
CA ALA A 40 20.73 4.25 -28.79
C ALA A 40 20.99 4.54 -27.30
N TRP A 41 21.24 3.48 -26.53
CA TRP A 41 21.62 3.61 -25.11
C TRP A 41 22.90 4.44 -24.99
N LYS A 42 23.93 4.01 -25.69
CA LYS A 42 25.20 4.73 -25.72
C LYS A 42 25.02 6.19 -26.11
N GLU A 43 24.27 6.44 -27.17
CA GLU A 43 24.03 7.79 -27.66
C GLU A 43 23.36 8.69 -26.62
N LEU A 44 22.27 8.22 -26.02
CA LEU A 44 21.52 9.03 -25.05
C LEU A 44 22.30 9.26 -23.75
N VAL A 45 23.07 8.27 -23.31
CA VAL A 45 23.92 8.39 -22.13
C VAL A 45 24.97 9.49 -22.34
N GLU A 46 25.60 9.50 -23.51
CA GLU A 46 26.64 10.50 -23.76
C GLU A 46 26.08 11.91 -23.99
N LYS A 47 24.87 12.00 -24.55
CA LYS A 47 24.23 13.30 -24.81
C LYS A 47 23.64 13.95 -23.55
N GLU A 48 23.20 13.12 -22.62
CA GLU A 48 22.36 13.60 -21.51
C GLU A 48 22.54 12.80 -20.20
N ASP A 49 22.73 11.49 -20.31
CA ASP A 49 22.60 10.57 -19.17
C ASP A 49 21.39 10.91 -18.28
N PRO A 50 20.16 10.79 -18.85
CA PRO A 50 18.98 11.15 -18.05
C PRO A 50 18.81 10.27 -16.83
N VAL A 51 18.21 10.83 -15.79
CA VAL A 51 17.68 10.08 -14.68
C VAL A 51 16.50 9.24 -15.20
N VAL A 52 16.59 7.93 -15.02
CA VAL A 52 15.51 7.05 -15.46
C VAL A 52 14.45 6.96 -14.37
N TYR A 53 14.88 6.77 -13.12
CA TYR A 53 13.97 6.75 -11.99
C TYR A 53 14.59 7.09 -10.66
N GLU A 54 13.75 7.59 -9.75
CA GLU A 54 14.13 7.85 -8.37
C GLU A 54 13.23 7.05 -7.44
N VAL A 55 13.78 6.66 -6.30
CA VAL A 55 13.05 5.87 -5.31
C VAL A 55 13.13 6.57 -3.95
N TYR A 56 11.99 6.74 -3.30
CA TYR A 56 11.92 7.24 -1.92
C TYR A 56 11.48 6.10 -1.01
N ALA A 57 12.42 5.51 -0.27
CA ALA A 57 12.15 4.28 0.49
C ALA A 57 12.12 4.46 2.01
N VAL A 58 11.04 3.99 2.61
CA VAL A 58 10.92 3.96 4.06
C VAL A 58 11.00 2.50 4.48
N GLU A 59 12.16 2.13 5.00
CA GLU A 59 12.48 0.71 5.19
C GLU A 59 12.79 0.41 6.64
N GLN A 60 12.34 -0.76 7.09
CA GLN A 60 12.63 -1.25 8.42
C GLN A 60 13.82 -2.21 8.30
N GLU A 61 14.31 -2.69 9.45
CA GLU A 61 15.29 -3.78 9.48
C GLU A 61 14.66 -5.00 8.80
N GLU A 62 15.50 -5.87 8.24
CA GLU A 62 15.03 -7.04 7.49
C GLU A 62 14.43 -8.12 8.39
N LYS A 63 13.24 -7.84 8.93
CA LYS A 63 12.58 -8.72 9.88
C LYS A 63 11.27 -9.24 9.26
N GLU A 64 11.08 -10.55 9.33
CA GLU A 64 9.86 -11.17 8.80
C GLU A 64 8.61 -10.60 9.47
N GLY A 65 7.57 -10.42 8.65
CA GLY A 65 6.26 -10.01 9.12
C GLY A 65 6.14 -8.50 9.08
N ASP A 66 7.27 -7.82 8.94
CA ASP A 66 7.31 -6.36 8.96
C ASP A 66 7.22 -5.85 7.52
N LEU A 67 7.00 -4.54 7.35
CA LEU A 67 6.74 -3.99 6.02
C LEU A 67 7.54 -2.73 5.73
N ASN A 68 8.05 -2.68 4.50
CA ASN A 68 8.65 -1.49 3.92
C ASN A 68 7.70 -0.88 2.91
N PHE A 69 7.89 0.40 2.64
CA PHE A 69 7.17 1.03 1.54
C PHE A 69 8.08 2.04 0.85
N ALA A 70 7.82 2.26 -0.43
CA ALA A 70 8.65 3.12 -1.27
C ALA A 70 7.85 3.62 -2.46
N THR A 71 8.07 4.89 -2.80
CA THR A 71 7.59 5.42 -4.06
C THR A 71 8.71 5.40 -5.07
N THR A 72 8.33 5.14 -6.31
CA THR A 72 9.20 5.35 -7.44
C THR A 72 8.60 6.46 -8.31
N VAL A 73 9.49 7.36 -8.71
CA VAL A 73 9.22 8.31 -9.79
C VAL A 73 9.97 7.79 -11.03
N LEU A 74 9.24 7.17 -11.96
CA LEU A 74 9.86 6.66 -13.21
C LEU A 74 9.66 7.71 -14.28
N TYR A 75 10.76 8.25 -14.79
CA TYR A 75 10.68 9.35 -15.75
C TYR A 75 10.31 8.89 -17.14
N PRO A 76 9.63 9.77 -17.90
CA PRO A 76 9.29 9.46 -19.29
C PRO A 76 10.53 9.46 -20.20
N GLY A 77 10.58 8.53 -21.13
CA GLY A 77 11.67 8.48 -22.08
C GLY A 77 11.69 7.18 -22.86
N LYS A 78 12.51 7.15 -23.90
CA LYS A 78 12.68 5.98 -24.72
C LYS A 78 14.17 5.79 -24.99
N VAL A 79 14.61 4.54 -25.05
CA VAL A 79 15.91 4.18 -25.61
C VAL A 79 15.63 3.50 -26.95
N GLY A 80 15.85 4.25 -28.03
CA GLY A 80 15.32 3.84 -29.33
C GLY A 80 13.81 3.86 -29.23
N LYS A 81 13.22 2.69 -29.43
CA LYS A 81 11.77 2.54 -29.41
C LYS A 81 11.25 2.06 -28.04
N GLU A 82 12.18 1.70 -27.16
CA GLU A 82 11.85 1.02 -25.90
C GLU A 82 11.66 2.01 -24.76
N PHE A 83 10.50 1.98 -24.11
CA PHE A 83 10.21 2.89 -23.00
C PHE A 83 11.15 2.71 -21.80
N PHE A 84 11.42 3.82 -21.11
CA PHE A 84 12.12 3.80 -19.81
C PHE A 84 11.45 2.81 -18.86
N PHE A 85 12.28 2.04 -18.17
CA PHE A 85 11.77 1.11 -17.17
C PHE A 85 12.71 1.02 -15.97
N THR A 86 12.26 0.36 -14.91
CA THR A 86 13.11 0.04 -13.78
C THR A 86 13.92 -1.22 -14.12
N LYS A 87 15.02 -1.43 -13.41
CA LYS A 87 15.89 -2.56 -13.69
C LYS A 87 15.16 -3.88 -13.58
N GLY A 88 14.35 -4.05 -12.55
CA GLY A 88 13.54 -5.24 -12.43
C GLY A 88 14.29 -6.23 -11.56
N HIS A 89 13.55 -6.93 -10.71
CA HIS A 89 14.14 -7.88 -9.77
C HIS A 89 13.18 -8.98 -9.34
N PHE A 90 13.77 -10.11 -8.92
CA PHE A 90 13.08 -11.06 -8.07
C PHE A 90 13.33 -10.60 -6.63
N HIS A 91 12.47 -10.99 -5.71
CA HIS A 91 12.79 -10.79 -4.32
C HIS A 91 13.80 -11.86 -3.88
N ALA A 92 14.73 -11.46 -3.02
CA ALA A 92 15.77 -12.36 -2.47
C ALA A 92 15.12 -13.55 -1.76
N LYS A 93 14.12 -13.28 -0.93
CA LYS A 93 13.20 -14.31 -0.49
C LYS A 93 12.11 -14.34 -1.54
N LEU A 94 12.20 -15.34 -2.40
CA LEU A 94 11.42 -15.42 -3.64
C LEU A 94 9.91 -15.40 -3.44
N ASP A 95 9.43 -16.02 -2.37
CA ASP A 95 7.98 -16.12 -2.19
C ASP A 95 7.32 -14.86 -1.62
N ARG A 96 8.08 -13.76 -1.56
CA ARG A 96 7.59 -12.53 -0.96
C ARG A 96 6.82 -11.77 -2.03
N ALA A 97 5.56 -11.51 -1.73
CA ALA A 97 4.67 -10.79 -2.65
C ALA A 97 4.86 -9.30 -2.47
N GLU A 98 4.06 -8.51 -3.21
CA GLU A 98 4.26 -7.07 -3.22
C GLU A 98 2.97 -6.47 -3.74
N VAL A 99 2.67 -5.24 -3.30
CA VAL A 99 1.48 -4.53 -3.75
C VAL A 99 1.93 -3.16 -4.25
N TYR A 100 1.54 -2.84 -5.48
CA TYR A 100 1.87 -1.55 -6.08
C TYR A 100 0.59 -0.73 -6.16
N VAL A 101 0.72 0.56 -5.85
CA VAL A 101 -0.43 1.48 -5.93
C VAL A 101 -0.04 2.62 -6.89
N ALA A 102 -0.56 2.59 -8.11
CA ALA A 102 -0.23 3.59 -9.10
C ALA A 102 -0.89 4.92 -8.74
N LEU A 103 -0.10 5.99 -8.75
CA LEU A 103 -0.53 7.29 -8.27
C LEU A 103 -0.69 8.32 -9.38
N LYS A 104 0.24 8.32 -10.33
CA LYS A 104 0.23 9.31 -11.40
C LYS A 104 0.87 8.76 -12.65
N GLY A 105 0.48 9.30 -13.79
CA GLY A 105 1.05 8.91 -15.07
C GLY A 105 0.41 7.66 -15.65
N LYS A 106 1.03 7.17 -16.71
CA LYS A 106 0.59 5.97 -17.42
C LYS A 106 1.78 5.03 -17.57
N GLY A 107 1.61 3.82 -17.08
CA GLY A 107 2.65 2.83 -17.25
C GLY A 107 2.09 1.43 -17.21
N GLY A 108 2.86 0.53 -16.64
CA GLY A 108 2.43 -0.82 -16.51
C GLY A 108 3.56 -1.60 -15.90
N MET A 109 3.30 -2.86 -15.62
CA MET A 109 4.26 -3.73 -15.01
C MET A 109 4.45 -4.95 -15.88
N LEU A 110 5.72 -5.30 -16.12
CA LEU A 110 6.07 -6.59 -16.72
C LEU A 110 6.46 -7.52 -15.59
N LEU A 111 5.90 -8.72 -15.58
CA LEU A 111 6.21 -9.73 -14.57
C LEU A 111 6.63 -11.01 -15.24
N GLN A 112 7.43 -11.81 -14.54
CA GLN A 112 8.03 -12.99 -15.12
C GLN A 112 8.40 -14.01 -14.02
N THR A 113 8.06 -15.28 -14.26
CA THR A 113 8.39 -16.38 -13.35
C THR A 113 9.83 -16.83 -13.57
N PRO A 114 10.44 -17.53 -12.60
CA PRO A 114 11.81 -18.03 -12.83
C PRO A 114 12.02 -18.76 -14.15
N GLU A 115 10.94 -19.23 -14.77
CA GLU A 115 11.00 -19.95 -16.05
C GLU A 115 10.88 -19.05 -17.29
N GLY A 116 10.63 -17.76 -17.08
CA GLY A 116 10.70 -16.79 -18.18
C GLY A 116 9.39 -16.48 -18.88
N ASP A 117 8.30 -17.04 -18.34
CA ASP A 117 6.96 -16.72 -18.84
C ASP A 117 6.49 -15.38 -18.28
N ALA A 118 6.10 -14.47 -19.17
CA ALA A 118 5.88 -13.08 -18.80
C ALA A 118 4.43 -12.62 -18.88
N LYS A 119 4.18 -11.44 -18.31
CA LYS A 119 2.84 -10.89 -18.21
C LYS A 119 2.94 -9.37 -18.21
N TRP A 120 1.94 -8.72 -18.77
CA TRP A 120 1.86 -7.27 -18.79
C TRP A 120 0.54 -6.85 -18.16
N ILE A 121 0.64 -6.01 -17.12
CA ILE A 121 -0.50 -5.41 -16.42
C ILE A 121 -0.41 -3.89 -16.67
N SER A 122 -1.43 -3.31 -17.28
CA SER A 122 -1.52 -1.85 -17.43
C SER A 122 -1.75 -1.20 -16.09
N MET A 123 -1.12 -0.04 -15.89
CA MET A 123 -1.28 0.73 -14.66
C MET A 123 -1.61 2.18 -15.00
N GLU A 124 -2.67 2.65 -14.38
CA GLU A 124 -3.05 4.06 -14.42
C GLU A 124 -3.36 4.47 -12.99
N PRO A 125 -3.56 5.77 -12.69
CA PRO A 125 -3.86 6.14 -11.31
C PRO A 125 -5.01 5.30 -10.72
N GLY A 126 -4.79 4.75 -9.52
CA GLY A 126 -5.81 3.94 -8.87
C GLY A 126 -5.64 2.45 -9.13
N THR A 127 -4.75 2.08 -10.06
CA THR A 127 -4.51 0.68 -10.32
C THR A 127 -3.66 0.10 -9.19
N VAL A 128 -4.25 -0.83 -8.45
CA VAL A 128 -3.47 -1.62 -7.49
C VAL A 128 -3.07 -2.93 -8.15
N VAL A 129 -1.78 -3.21 -8.13
CA VAL A 129 -1.23 -4.40 -8.76
C VAL A 129 -0.76 -5.35 -7.65
N TYR A 130 -1.23 -6.59 -7.76
CA TYR A 130 -0.79 -7.68 -6.90
C TYR A 130 0.33 -8.44 -7.62
N VAL A 131 1.53 -8.35 -7.05
CA VAL A 131 2.72 -9.04 -7.51
C VAL A 131 2.81 -10.32 -6.66
N PRO A 132 2.48 -11.48 -7.25
CA PRO A 132 2.44 -12.67 -6.41
C PRO A 132 3.84 -13.18 -6.07
N PRO A 133 3.92 -14.12 -5.10
CA PRO A 133 5.19 -14.77 -4.83
C PRO A 133 5.82 -15.33 -6.11
N TYR A 134 7.15 -15.22 -6.18
CA TYR A 134 7.97 -15.77 -7.27
C TYR A 134 8.08 -14.96 -8.57
N TRP A 135 7.28 -13.91 -8.71
CA TRP A 135 7.30 -13.15 -9.96
C TRP A 135 8.31 -12.00 -9.95
N ALA A 136 9.26 -12.02 -10.87
CA ALA A 136 10.15 -10.88 -11.08
C ALA A 136 9.26 -9.76 -11.60
N HIS A 137 9.66 -8.52 -11.38
CA HIS A 137 8.77 -7.41 -11.74
C HIS A 137 9.53 -6.16 -12.13
N ARG A 138 9.05 -5.53 -13.20
CA ARG A 138 9.66 -4.35 -13.76
C ARG A 138 8.52 -3.42 -14.10
N THR A 139 8.66 -2.15 -13.76
CA THR A 139 7.64 -1.17 -14.15
C THR A 139 8.11 -0.39 -15.37
N VAL A 140 7.17 0.11 -16.17
CA VAL A 140 7.51 0.72 -17.45
C VAL A 140 6.66 1.99 -17.53
N ASN A 141 7.26 3.09 -17.99
CA ASN A 141 6.51 4.35 -18.22
C ASN A 141 6.21 4.46 -19.71
N ILE A 142 4.97 4.17 -20.10
CA ILE A 142 4.59 4.27 -21.50
C ILE A 142 4.06 5.68 -21.89
N GLY A 143 4.18 6.63 -20.96
CA GLY A 143 3.59 7.97 -21.12
C GLY A 143 4.56 9.13 -21.24
N ASP A 144 4.03 10.34 -21.10
CA ASP A 144 4.79 11.55 -21.43
C ASP A 144 5.19 12.33 -20.19
N GLU A 145 4.92 11.76 -19.02
CA GLU A 145 5.14 12.39 -17.74
C GLU A 145 5.62 11.35 -16.73
N PRO A 146 6.14 11.79 -15.57
CA PRO A 146 6.52 10.80 -14.56
C PRO A 146 5.39 9.81 -14.21
N PHE A 147 5.76 8.53 -14.20
CA PHE A 147 4.91 7.45 -13.76
C PHE A 147 5.26 7.21 -12.28
N ILE A 148 4.32 7.50 -11.40
CA ILE A 148 4.56 7.53 -9.97
C ILE A 148 3.70 6.48 -9.29
N PHE A 149 4.33 5.61 -8.51
CA PHE A 149 3.57 4.58 -7.79
C PHE A 149 4.17 4.36 -6.41
N LEU A 150 3.43 3.67 -5.55
CA LEU A 150 3.87 3.33 -4.20
C LEU A 150 3.91 1.82 -4.12
N ALA A 151 5.03 1.27 -3.65
CA ALA A 151 5.15 -0.19 -3.48
C ALA A 151 5.24 -0.56 -2.00
N ILE A 152 4.47 -1.57 -1.59
CA ILE A 152 4.48 -2.04 -0.20
C ILE A 152 4.95 -3.49 -0.25
N TYR A 153 6.00 -3.77 0.49
CA TYR A 153 6.69 -5.04 0.38
C TYR A 153 7.17 -5.57 1.74
N PRO A 154 7.15 -6.90 1.92
CA PRO A 154 7.73 -7.45 3.15
C PRO A 154 9.15 -6.91 3.43
N ALA A 155 9.41 -6.52 4.66
CA ALA A 155 10.72 -5.94 5.02
C ALA A 155 11.91 -6.90 4.87
N ASP A 156 11.63 -8.20 4.75
CA ASP A 156 12.68 -9.21 4.51
C ASP A 156 12.68 -9.74 3.08
N ALA A 157 11.98 -9.05 2.18
CA ALA A 157 11.87 -9.49 0.78
C ALA A 157 13.20 -9.44 0.04
N GLY A 158 13.97 -8.39 0.25
CA GLY A 158 15.22 -8.21 -0.46
C GLY A 158 15.03 -7.93 -1.95
N HIS A 159 16.14 -7.95 -2.67
CA HIS A 159 16.16 -7.59 -4.08
CA HIS A 159 16.20 -7.54 -4.08
C HIS A 159 17.24 -8.34 -4.85
N ASP A 160 16.82 -9.14 -5.82
CA ASP A 160 17.77 -9.84 -6.68
C ASP A 160 17.68 -9.37 -8.13
N TYR A 161 18.70 -8.63 -8.55
CA TYR A 161 18.75 -8.03 -9.90
C TYR A 161 19.57 -8.84 -10.89
N GLY A 162 20.35 -9.79 -10.39
CA GLY A 162 21.37 -10.50 -11.18
C GLY A 162 20.90 -11.20 -12.46
N THR A 163 19.86 -12.01 -12.34
CA THR A 163 19.36 -12.80 -13.47
C THR A 163 18.71 -11.90 -14.53
N ILE A 164 18.00 -10.86 -14.08
CA ILE A 164 17.40 -9.89 -15.00
C ILE A 164 18.48 -9.04 -15.69
N ALA A 165 19.54 -8.70 -14.97
CA ALA A 165 20.64 -7.89 -15.53
C ALA A 165 21.26 -8.52 -16.79
N GLU A 166 21.36 -9.85 -16.80
CA GLU A 166 21.98 -10.59 -17.91
C GLU A 166 21.01 -10.97 -19.03
N LYS A 167 19.78 -11.36 -18.67
CA LYS A 167 18.83 -11.89 -19.66
C LYS A 167 17.66 -10.97 -19.99
N GLY A 168 17.38 -10.01 -19.12
CA GLY A 168 16.23 -9.12 -19.32
C GLY A 168 14.90 -9.83 -19.19
N PHE A 169 13.85 -9.25 -19.74
CA PHE A 169 12.54 -9.90 -19.71
C PHE A 169 12.27 -10.53 -21.06
N SER A 170 11.36 -11.49 -21.13
CA SER A 170 11.03 -12.18 -22.38
C SER A 170 10.17 -11.29 -23.29
N LYS A 171 9.57 -10.26 -22.70
CA LYS A 171 8.82 -9.26 -23.46
C LYS A 171 9.40 -7.87 -23.26
N ILE A 172 9.33 -7.06 -24.32
CA ILE A 172 9.73 -5.65 -24.27
C ILE A 172 8.55 -4.76 -24.62
N VAL A 173 8.56 -3.54 -24.12
CA VAL A 173 7.48 -2.57 -24.36
C VAL A 173 7.99 -1.41 -25.19
N ILE A 174 7.46 -1.30 -26.41
CA ILE A 174 8.00 -0.39 -27.39
C ILE A 174 6.91 0.53 -27.94
N GLU A 175 7.35 1.62 -28.56
CA GLU A 175 6.47 2.45 -29.36
C GLU A 175 6.85 2.26 -30.84
N GLU A 176 5.89 1.75 -31.62
CA GLU A 176 6.03 1.63 -33.08
C GLU A 176 4.86 2.30 -33.76
N ASN A 177 5.15 3.17 -34.72
CA ASN A 177 4.13 3.95 -35.44
C ASN A 177 3.17 4.66 -34.48
N GLY A 178 3.73 5.25 -33.41
CA GLY A 178 2.96 6.00 -32.42
C GLY A 178 2.13 5.20 -31.43
N GLU A 179 2.19 3.87 -31.53
CA GLU A 179 1.37 2.99 -30.68
C GLU A 179 2.22 2.15 -29.72
N VAL A 180 1.69 1.93 -28.51
CA VAL A 180 2.39 1.15 -27.49
C VAL A 180 2.21 -0.35 -27.74
N LYS A 181 3.32 -1.04 -27.96
CA LYS A 181 3.32 -2.47 -28.20
C LYS A 181 4.10 -3.23 -27.13
N VAL A 182 3.48 -4.29 -26.60
CA VAL A 182 4.20 -5.27 -25.80
C VAL A 182 4.48 -6.43 -26.74
N VAL A 183 5.75 -6.60 -27.11
CA VAL A 183 6.18 -7.62 -28.05
C VAL A 183 7.26 -8.50 -27.45
N ASP A 184 7.49 -9.66 -28.08
CA ASP A 184 8.57 -10.55 -27.66
C ASP A 184 9.93 -9.85 -27.73
N ASN A 185 10.78 -10.12 -26.74
CA ASN A 185 12.14 -9.62 -26.74
C ASN A 185 13.00 -10.43 -27.72
N PRO A 186 13.50 -9.77 -28.79
CA PRO A 186 14.42 -10.41 -29.73
C PRO A 186 15.68 -10.98 -29.06
N ARG A 187 16.13 -10.32 -28.00
CA ARG A 187 17.39 -10.66 -27.32
C ARG A 187 17.26 -11.71 -26.21
N TRP A 188 16.10 -12.37 -26.17
CA TRP A 188 15.77 -13.31 -25.10
C TRP A 188 16.15 -14.75 -25.48
N MET B 1 6.46 -26.18 -10.59
CA MET B 1 5.57 -25.69 -9.50
C MET B 1 4.54 -24.69 -10.04
N MET B 2 3.46 -24.47 -9.28
CA MET B 2 2.36 -23.60 -9.73
C MET B 2 2.51 -22.18 -9.22
N TYR B 3 2.38 -21.22 -10.14
CA TYR B 3 2.46 -19.81 -9.79
C TYR B 3 1.09 -19.15 -9.79
N LYS B 4 0.88 -18.28 -8.80
CA LYS B 4 -0.35 -17.50 -8.72
C LYS B 4 -0.32 -16.42 -9.81
N GLU B 5 -1.49 -16.06 -10.29
CA GLU B 5 -1.61 -15.12 -11.39
C GLU B 5 -1.52 -13.69 -10.88
N PRO B 6 -0.62 -12.88 -11.48
CA PRO B 6 -0.57 -11.46 -11.16
C PRO B 6 -1.82 -10.79 -11.68
N PHE B 7 -2.23 -9.72 -11.02
CA PHE B 7 -3.41 -8.98 -11.47
C PHE B 7 -3.40 -7.52 -11.02
N GLY B 8 -4.07 -6.69 -11.81
CA GLY B 8 -4.30 -5.30 -11.45
C GLY B 8 -5.78 -5.10 -11.20
N VAL B 9 -6.11 -4.26 -10.22
CA VAL B 9 -7.49 -3.87 -10.01
C VAL B 9 -7.61 -2.39 -9.77
N LYS B 10 -8.70 -1.81 -10.26
CA LYS B 10 -8.99 -0.41 -10.03
C LYS B 10 -9.49 -0.17 -8.62
N VAL B 11 -8.89 0.82 -7.96
CA VAL B 11 -9.40 1.33 -6.71
C VAL B 11 -9.76 2.79 -6.97
N ASP B 12 -11.02 3.11 -6.74
CA ASP B 12 -11.48 4.48 -6.83
C ASP B 12 -11.11 5.22 -5.55
N PHE B 13 -10.15 6.14 -5.64
CA PHE B 13 -9.72 6.89 -4.46
C PHE B 13 -10.83 7.80 -3.89
N GLU B 14 -11.88 8.04 -4.68
CA GLU B 14 -13.00 8.91 -4.26
C GLU B 14 -14.05 8.16 -3.45
N THR B 15 -14.18 6.86 -3.71
CA THR B 15 -15.27 6.08 -3.15
C THR B 15 -14.75 4.96 -2.26
N GLY B 16 -13.49 4.62 -2.44
CA GLY B 16 -12.87 3.49 -1.76
C GLY B 16 -13.27 2.14 -2.33
N ILE B 17 -14.05 2.15 -3.41
CA ILE B 17 -14.60 0.90 -3.95
C ILE B 17 -13.54 0.13 -4.74
N ILE B 18 -13.41 -1.17 -4.43
CA ILE B 18 -12.52 -2.05 -5.20
C ILE B 18 -13.37 -3.05 -5.98
N GLU B 19 -13.29 -2.94 -7.30
CA GLU B 19 -14.03 -3.79 -8.22
C GLU B 19 -13.71 -5.25 -7.92
N GLY B 20 -14.75 -6.02 -7.55
CA GLY B 20 -14.65 -7.47 -7.34
C GLY B 20 -14.12 -7.93 -6.00
N ALA B 21 -13.89 -6.99 -5.09
CA ALA B 21 -13.39 -7.28 -3.74
C ALA B 21 -14.49 -7.78 -2.82
N LYS B 22 -14.10 -8.59 -1.83
CA LYS B 22 -15.00 -9.09 -0.78
C LYS B 22 -15.48 -7.90 0.07
N LYS B 23 -16.80 -7.69 0.07
CA LYS B 23 -17.38 -6.56 0.79
C LYS B 23 -17.91 -6.95 2.16
N SER B 24 -17.42 -6.27 3.18
CA SER B 24 -17.93 -6.43 4.54
C SER B 24 -18.58 -5.11 4.98
N VAL B 25 -19.63 -5.20 5.80
CA VAL B 25 -20.31 -4.00 6.32
C VAL B 25 -20.52 -4.09 7.84
N ARG B 26 -20.09 -3.04 8.54
CA ARG B 26 -20.33 -2.94 9.98
C ARG B 26 -21.32 -1.81 10.26
N ARG B 27 -22.49 -2.20 10.78
CA ARG B 27 -23.45 -1.23 11.31
C ARG B 27 -23.23 -1.11 12.80
N LEU B 28 -23.85 -0.10 13.40
CA LEU B 28 -23.76 0.13 14.84
C LEU B 28 -24.15 -1.10 15.70
N SER B 29 -25.18 -1.83 15.27
CA SER B 29 -25.64 -3.04 15.96
C SER B 29 -24.60 -4.16 15.94
N ASP B 30 -23.69 -4.10 14.97
CA ASP B 30 -22.55 -5.01 14.88
C ASP B 30 -21.46 -4.59 15.86
N MET B 31 -21.66 -3.46 16.54
CA MET B 31 -20.64 -2.93 17.44
C MET B 31 -21.12 -2.77 18.88
N GLU B 32 -21.83 -3.78 19.40
CA GLU B 32 -22.24 -3.78 20.81
C GLU B 32 -21.03 -3.88 21.76
N GLY B 33 -21.02 -3.02 22.77
CA GLY B 33 -19.98 -3.05 23.79
C GLY B 33 -18.69 -2.41 23.34
N TYR B 34 -18.80 -1.48 22.37
CA TYR B 34 -17.65 -0.78 21.80
C TYR B 34 -17.57 0.69 22.18
N PHE B 35 -18.72 1.34 22.31
CA PHE B 35 -18.75 2.77 22.58
C PHE B 35 -19.04 3.07 24.05
N VAL B 36 -18.47 4.18 24.54
CA VAL B 36 -18.59 4.59 25.94
C VAL B 36 -20.06 4.80 26.34
N ASP B 37 -20.75 5.65 25.59
CA ASP B 37 -22.13 6.01 25.86
C ASP B 37 -23.11 4.90 25.45
N GLU B 38 -23.32 3.97 26.38
CA GLU B 38 -24.16 2.79 26.18
C GLU B 38 -25.60 3.11 25.76
N ARG B 39 -26.17 4.17 26.35
CA ARG B 39 -27.56 4.55 26.05
C ARG B 39 -27.71 5.28 24.71
N ALA B 40 -26.69 6.07 24.33
CA ALA B 40 -26.67 6.72 23.01
C ALA B 40 -26.57 5.69 21.89
N TRP B 41 -25.80 4.63 22.13
CA TRP B 41 -25.65 3.54 21.19
C TRP B 41 -27.01 2.89 20.95
N LYS B 42 -27.66 2.51 22.04
CA LYS B 42 -28.97 1.86 22.01
C LYS B 42 -29.99 2.68 21.21
N GLU B 43 -30.07 3.97 21.51
CA GLU B 43 -31.00 4.86 20.80
C GLU B 43 -30.77 4.86 19.29
N LEU B 44 -29.51 4.98 18.89
CA LEU B 44 -29.14 5.06 17.47
C LEU B 44 -29.42 3.75 16.74
N VAL B 45 -29.06 2.62 17.37
CA VAL B 45 -29.36 1.29 16.83
C VAL B 45 -30.87 1.07 16.60
N GLU B 46 -31.69 1.56 17.53
CA GLU B 46 -33.14 1.39 17.42
C GLU B 46 -33.78 2.30 16.38
N LYS B 47 -33.27 3.53 16.27
CA LYS B 47 -33.82 4.52 15.35
C LYS B 47 -33.37 4.26 13.92
N GLU B 48 -32.08 3.98 13.74
CA GLU B 48 -31.45 4.04 12.43
C GLU B 48 -30.53 2.84 12.17
N ASP B 49 -29.77 2.46 13.19
CA ASP B 49 -28.70 1.46 13.05
C ASP B 49 -27.84 1.77 11.81
N PRO B 50 -27.16 2.93 11.81
CA PRO B 50 -26.42 3.36 10.63
C PRO B 50 -25.22 2.47 10.34
N VAL B 51 -24.82 2.45 9.07
CA VAL B 51 -23.54 1.87 8.67
C VAL B 51 -22.40 2.72 9.25
N VAL B 52 -21.54 2.07 10.04
CA VAL B 52 -20.37 2.75 10.60
C VAL B 52 -19.25 2.73 9.55
N TYR B 53 -18.94 1.54 9.03
CA TYR B 53 -17.96 1.42 7.96
C TYR B 53 -18.15 0.23 7.02
N GLU B 54 -17.44 0.28 5.90
CA GLU B 54 -17.46 -0.77 4.90
C GLU B 54 -16.02 -1.11 4.52
N VAL B 55 -15.77 -2.39 4.28
CA VAL B 55 -14.44 -2.85 3.89
C VAL B 55 -14.51 -3.57 2.55
N TYR B 56 -13.61 -3.21 1.64
CA TYR B 56 -13.40 -3.95 0.40
C TYR B 56 -12.06 -4.69 0.48
N ALA B 57 -12.12 -6.01 0.61
CA ALA B 57 -10.92 -6.82 0.87
C ALA B 57 -10.48 -7.72 -0.29
N VAL B 58 -9.20 -7.61 -0.65
CA VAL B 58 -8.60 -8.47 -1.65
C VAL B 58 -7.57 -9.33 -0.92
N GLU B 59 -7.97 -10.57 -0.63
CA GLU B 59 -7.18 -11.40 0.26
C GLU B 59 -6.69 -12.69 -0.39
N GLN B 60 -5.52 -13.12 0.06
CA GLN B 60 -4.91 -14.35 -0.40
C GLN B 60 -5.10 -15.38 0.70
N GLU B 61 -4.74 -16.62 0.41
CA GLU B 61 -4.67 -17.65 1.45
C GLU B 61 -3.73 -17.14 2.56
N GLU B 62 -3.94 -17.62 3.79
CA GLU B 62 -3.12 -17.21 4.92
C GLU B 62 -1.73 -17.86 4.88
N LYS B 63 -0.80 -17.18 4.23
CA LYS B 63 0.48 -17.74 3.87
C LYS B 63 1.53 -16.70 4.17
N GLU B 64 2.62 -17.10 4.83
CA GLU B 64 3.72 -16.17 5.10
C GLU B 64 4.31 -15.59 3.80
N GLY B 65 4.75 -14.34 3.87
CA GLY B 65 5.38 -13.70 2.73
C GLY B 65 4.43 -13.08 1.72
N ASP B 66 3.15 -13.46 1.78
CA ASP B 66 2.11 -12.93 0.88
C ASP B 66 1.45 -11.69 1.46
N LEU B 67 0.67 -10.99 0.62
CA LEU B 67 0.08 -9.73 1.04
C LEU B 67 -1.38 -9.64 0.70
N ASN B 68 -2.14 -9.05 1.62
CA ASN B 68 -3.54 -8.72 1.37
C ASN B 68 -3.63 -7.21 1.27
N PHE B 69 -4.72 -6.72 0.71
CA PHE B 69 -5.02 -5.28 0.76
C PHE B 69 -6.52 -5.06 0.79
N ALA B 70 -6.92 -3.98 1.46
CA ALA B 70 -8.31 -3.71 1.72
C ALA B 70 -8.47 -2.23 1.90
N THR B 71 -9.51 -1.69 1.29
CA THR B 71 -9.93 -0.33 1.63
C THR B 71 -11.05 -0.37 2.67
N THR B 72 -11.09 0.69 3.48
CA THR B 72 -12.18 0.94 4.40
C THR B 72 -12.79 2.30 4.07
N VAL B 73 -14.11 2.35 4.12
CA VAL B 73 -14.86 3.61 4.04
C VAL B 73 -15.52 3.78 5.39
N LEU B 74 -14.92 4.63 6.22
CA LEU B 74 -15.43 4.91 7.56
C LEU B 74 -16.33 6.15 7.51
N TYR B 75 -17.63 5.94 7.72
CA TYR B 75 -18.63 7.01 7.63
C TYR B 75 -18.52 7.96 8.79
N PRO B 76 -18.93 9.23 8.56
CA PRO B 76 -18.90 10.22 9.63
C PRO B 76 -20.06 10.06 10.61
N GLY B 77 -19.79 10.31 11.89
CA GLY B 77 -20.80 10.25 12.91
C GLY B 77 -20.21 10.18 14.31
N LYS B 78 -21.11 10.19 15.28
CA LYS B 78 -20.75 10.10 16.70
C LYS B 78 -21.71 9.16 17.42
N VAL B 79 -21.21 8.52 18.48
CA VAL B 79 -22.05 7.81 19.43
C VAL B 79 -21.86 8.54 20.77
N GLY B 80 -22.87 9.30 21.18
CA GLY B 80 -22.68 10.26 22.26
C GLY B 80 -21.73 11.33 21.74
N LYS B 81 -20.63 11.54 22.46
CA LYS B 81 -19.56 12.45 22.04
C LYS B 81 -18.45 11.75 21.23
N GLU B 82 -18.58 10.45 21.06
CA GLU B 82 -17.47 9.60 20.58
C GLU B 82 -17.57 9.34 19.08
N PHE B 83 -16.53 9.73 18.35
CA PHE B 83 -16.48 9.56 16.89
C PHE B 83 -16.59 8.10 16.43
N PHE B 84 -17.25 7.92 15.29
CA PHE B 84 -17.31 6.61 14.64
C PHE B 84 -15.88 6.09 14.44
N PHE B 85 -15.71 4.81 14.74
CA PHE B 85 -14.42 4.17 14.58
C PHE B 85 -14.60 2.73 14.08
N THR B 86 -13.50 2.12 13.66
CA THR B 86 -13.48 0.69 13.38
C THR B 86 -13.35 -0.10 14.68
N LYS B 87 -13.84 -1.33 14.70
CA LYS B 87 -13.76 -2.17 15.90
C LYS B 87 -12.37 -2.16 16.53
N GLY B 88 -11.33 -2.23 15.69
CA GLY B 88 -9.95 -2.28 16.16
C GLY B 88 -9.54 -3.71 16.46
N HIS B 89 -8.26 -4.02 16.23
CA HIS B 89 -7.77 -5.38 16.42
C HIS B 89 -6.27 -5.44 16.63
N PHE B 90 -5.81 -6.53 17.23
CA PHE B 90 -4.43 -6.92 17.12
C PHE B 90 -4.41 -7.87 15.93
N HIS B 91 -3.24 -8.03 15.31
CA HIS B 91 -3.08 -9.12 14.36
C HIS B 91 -2.88 -10.40 15.18
N ALA B 92 -3.36 -11.52 14.65
CA ALA B 92 -3.26 -12.81 15.35
C ALA B 92 -1.80 -13.28 15.48
N LYS B 93 -1.03 -13.03 14.43
CA LYS B 93 0.41 -13.10 14.51
C LYS B 93 0.81 -11.67 14.82
N LEU B 94 1.16 -11.42 16.09
CA LEU B 94 1.37 -10.05 16.60
C LEU B 94 2.50 -9.29 15.92
N ASP B 95 3.54 -10.00 15.50
CA ASP B 95 4.70 -9.33 14.90
C ASP B 95 4.48 -8.86 13.44
N ARG B 96 3.25 -9.03 12.94
CA ARG B 96 2.91 -8.62 11.58
C ARG B 96 2.54 -7.13 11.51
N ALA B 97 3.32 -6.38 10.74
CA ALA B 97 3.10 -4.95 10.60
C ALA B 97 2.01 -4.63 9.59
N GLU B 98 1.73 -3.35 9.40
CA GLU B 98 0.72 -2.94 8.45
C GLU B 98 1.02 -1.54 7.94
N VAL B 99 0.61 -1.26 6.71
CA VAL B 99 0.74 0.09 6.14
C VAL B 99 -0.64 0.57 5.69
N TYR B 100 -0.98 1.78 6.12
CA TYR B 100 -2.21 2.45 5.74
C TYR B 100 -1.86 3.62 4.85
N VAL B 101 -2.71 3.84 3.85
CA VAL B 101 -2.56 4.96 2.95
C VAL B 101 -3.88 5.71 2.96
N ALA B 102 -3.89 6.90 3.57
CA ALA B 102 -5.12 7.70 3.65
C ALA B 102 -5.43 8.28 2.28
N LEU B 103 -6.69 8.18 1.87
CA LEU B 103 -7.10 8.55 0.51
C LEU B 103 -8.05 9.75 0.46
N LYS B 104 -8.97 9.81 1.41
CA LYS B 104 -9.98 10.86 1.41
C LYS B 104 -10.46 11.06 2.83
N GLY B 105 -10.84 12.29 3.16
CA GLY B 105 -11.43 12.62 4.45
C GLY B 105 -10.44 13.03 5.51
N LYS B 106 -10.93 13.16 6.74
CA LYS B 106 -10.07 13.53 7.85
C LYS B 106 -10.29 12.55 8.98
N GLY B 107 -9.19 12.04 9.52
CA GLY B 107 -9.30 11.04 10.55
C GLY B 107 -8.00 10.76 11.24
N GLY B 108 -7.87 9.56 11.75
CA GLY B 108 -6.67 9.22 12.45
C GLY B 108 -6.68 7.80 12.90
N MET B 109 -5.55 7.37 13.40
CA MET B 109 -5.43 6.04 13.90
C MET B 109 -5.04 6.08 15.36
N LEU B 110 -5.74 5.27 16.16
CA LEU B 110 -5.36 4.99 17.52
C LEU B 110 -4.66 3.65 17.55
N LEU B 111 -3.50 3.60 18.18
CA LEU B 111 -2.73 2.37 18.30
C LEU B 111 -2.40 2.16 19.76
N GLN B 112 -2.19 0.89 20.11
CA GLN B 112 -2.00 0.53 21.50
C GLN B 112 -1.21 -0.78 21.58
N THR B 113 -0.26 -0.82 22.52
CA THR B 113 0.55 -2.02 22.75
C THR B 113 -0.25 -3.03 23.57
N PRO B 114 0.27 -4.27 23.72
CA PRO B 114 -0.35 -5.22 24.64
C PRO B 114 -0.43 -4.72 26.09
N GLU B 115 0.41 -3.76 26.44
CA GLU B 115 0.39 -3.13 27.78
C GLU B 115 -0.78 -2.17 27.97
N GLY B 116 -1.15 -1.46 26.90
CA GLY B 116 -2.23 -0.48 26.97
C GLY B 116 -1.76 0.95 26.73
N ASP B 117 -0.48 1.11 26.43
CA ASP B 117 0.07 2.43 26.11
C ASP B 117 -0.28 2.84 24.68
N ALA B 118 -0.76 4.08 24.54
CA ALA B 118 -1.42 4.51 23.32
C ALA B 118 -0.67 5.56 22.51
N LYS B 119 -1.01 5.62 21.24
CA LYS B 119 -0.44 6.56 20.29
C LYS B 119 -1.55 7.00 19.32
N TRP B 120 -1.59 8.29 19.01
CA TRP B 120 -2.53 8.84 18.04
C TRP B 120 -1.77 9.40 16.85
N ILE B 121 -2.21 9.03 15.65
CA ILE B 121 -1.63 9.53 14.43
C ILE B 121 -2.72 10.17 13.60
N SER B 122 -2.57 11.45 13.27
CA SER B 122 -3.54 12.16 12.45
C SER B 122 -3.41 11.69 11.01
N MET B 123 -4.52 11.52 10.32
CA MET B 123 -4.52 11.04 8.94
C MET B 123 -5.31 11.97 8.04
N GLU B 124 -4.68 12.43 6.97
CA GLU B 124 -5.36 13.20 5.94
C GLU B 124 -4.88 12.67 4.59
N PRO B 125 -5.57 13.01 3.49
CA PRO B 125 -5.15 12.42 2.21
C PRO B 125 -3.64 12.53 1.99
N GLY B 126 -3.01 11.40 1.69
CA GLY B 126 -1.57 11.37 1.43
C GLY B 126 -0.76 10.81 2.58
N THR B 127 -1.34 10.79 3.77
CA THR B 127 -0.65 10.29 4.95
C THR B 127 -0.47 8.78 4.80
N VAL B 128 0.76 8.31 4.95
CA VAL B 128 1.02 6.88 5.06
C VAL B 128 1.36 6.55 6.51
N VAL B 129 0.59 5.65 7.09
CA VAL B 129 0.81 5.31 8.47
C VAL B 129 1.50 3.96 8.54
N TYR B 130 2.62 3.93 9.25
CA TYR B 130 3.31 2.67 9.54
C TYR B 130 2.84 2.13 10.89
N VAL B 131 2.17 0.97 10.84
CA VAL B 131 1.66 0.26 12.00
C VAL B 131 2.68 -0.83 12.34
N PRO B 132 3.45 -0.62 13.43
CA PRO B 132 4.52 -1.57 13.74
C PRO B 132 4.00 -2.87 14.33
N PRO B 133 4.85 -3.91 14.33
CA PRO B 133 4.50 -5.17 14.99
C PRO B 133 4.03 -4.91 16.43
N TYR B 134 3.01 -5.65 16.86
CA TYR B 134 2.54 -5.68 18.26
C TYR B 134 1.54 -4.59 18.64
N TRP B 135 1.30 -3.65 17.75
CA TRP B 135 0.36 -2.56 18.00
C TRP B 135 -1.02 -2.88 17.47
N ALA B 136 -2.01 -2.93 18.37
CA ALA B 136 -3.43 -2.95 18.00
C ALA B 136 -3.69 -1.63 17.33
N HIS B 137 -4.71 -1.57 16.48
CA HIS B 137 -4.95 -0.36 15.69
C HIS B 137 -6.40 -0.22 15.33
N ARG B 138 -6.87 1.02 15.46
CA ARG B 138 -8.26 1.38 15.20
C ARG B 138 -8.23 2.70 14.47
N THR B 139 -9.05 2.83 13.44
CA THR B 139 -9.19 4.11 12.73
C THR B 139 -10.45 4.86 13.16
N VAL B 140 -10.35 6.19 13.12
CA VAL B 140 -11.40 7.07 13.62
C VAL B 140 -11.61 8.17 12.59
N ASN B 141 -12.87 8.45 12.26
CA ASN B 141 -13.25 9.55 11.38
C ASN B 141 -13.67 10.73 12.24
N ILE B 142 -12.86 11.78 12.22
CA ILE B 142 -13.09 12.96 13.03
C ILE B 142 -13.71 14.11 12.22
N GLY B 143 -14.22 13.80 11.03
CA GLY B 143 -14.73 14.81 10.10
C GLY B 143 -16.18 14.63 9.68
N ASP B 144 -16.61 15.43 8.71
CA ASP B 144 -18.01 15.46 8.26
C ASP B 144 -18.26 14.59 7.03
N GLU B 145 -17.19 14.17 6.36
CA GLU B 145 -17.27 13.31 5.17
C GLU B 145 -16.68 11.92 5.47
N PRO B 146 -16.96 10.93 4.59
CA PRO B 146 -16.31 9.62 4.72
C PRO B 146 -14.77 9.69 4.77
N PHE B 147 -14.20 8.89 5.67
CA PHE B 147 -12.76 8.75 5.82
C PHE B 147 -12.37 7.45 5.14
N ILE B 148 -11.61 7.57 4.05
CA ILE B 148 -11.28 6.44 3.18
C ILE B 148 -9.77 6.22 3.15
N PHE B 149 -9.37 4.96 3.27
CA PHE B 149 -7.96 4.61 3.27
C PHE B 149 -7.78 3.20 2.73
N LEU B 150 -6.54 2.91 2.34
CA LEU B 150 -6.12 1.58 1.86
C LEU B 150 -5.17 0.98 2.86
N ALA B 151 -5.39 -0.27 3.24
CA ALA B 151 -4.49 -0.93 4.15
C ALA B 151 -3.86 -2.13 3.45
N ILE B 152 -2.57 -2.31 3.68
CA ILE B 152 -1.81 -3.40 3.08
C ILE B 152 -1.17 -4.16 4.23
N TYR B 153 -1.42 -5.48 4.28
CA TYR B 153 -0.99 -6.29 5.42
C TYR B 153 -0.60 -7.71 5.00
N PRO B 154 0.36 -8.29 5.73
CA PRO B 154 0.73 -9.68 5.52
C PRO B 154 -0.51 -10.56 5.48
N ALA B 155 -0.57 -11.45 4.49
CA ALA B 155 -1.71 -12.35 4.32
C ALA B 155 -1.92 -13.28 5.51
N ASP B 156 -0.89 -13.45 6.34
CA ASP B 156 -1.02 -14.29 7.54
C ASP B 156 -1.16 -13.48 8.84
N ALA B 157 -1.42 -12.18 8.70
CA ALA B 157 -1.55 -11.30 9.86
C ALA B 157 -2.67 -11.76 10.80
N GLY B 158 -3.83 -12.05 10.23
CA GLY B 158 -5.01 -12.42 11.02
C GLY B 158 -5.63 -11.22 11.69
N HIS B 159 -6.74 -11.44 12.39
CA HIS B 159 -7.46 -10.37 13.08
C HIS B 159 -7.93 -10.85 14.45
N ASP B 160 -7.35 -10.29 15.51
CA ASP B 160 -7.74 -10.58 16.88
C ASP B 160 -8.60 -9.44 17.44
N TYR B 161 -9.91 -9.69 17.55
CA TYR B 161 -10.86 -8.68 18.03
C TYR B 161 -11.18 -8.78 19.52
N GLY B 162 -10.94 -9.96 20.09
CA GLY B 162 -11.37 -10.31 21.45
C GLY B 162 -11.01 -9.31 22.54
N THR B 163 -9.71 -9.08 22.71
CA THR B 163 -9.18 -8.20 23.76
C THR B 163 -9.74 -6.77 23.67
N ILE B 164 -9.84 -6.25 22.46
CA ILE B 164 -10.38 -4.91 22.22
C ILE B 164 -11.90 -4.85 22.45
N ALA B 165 -12.61 -5.92 22.13
CA ALA B 165 -14.06 -5.98 22.28
C ALA B 165 -14.51 -5.83 23.75
N GLU B 166 -13.77 -6.48 24.65
CA GLU B 166 -14.09 -6.47 26.08
C GLU B 166 -13.63 -5.20 26.82
N LYS B 167 -12.44 -4.69 26.50
CA LYS B 167 -11.82 -3.59 27.24
C LYS B 167 -11.66 -2.30 26.45
N GLY B 168 -11.79 -2.39 25.13
CA GLY B 168 -11.58 -1.24 24.26
C GLY B 168 -10.15 -0.77 24.22
N PHE B 169 -9.98 0.51 23.87
CA PHE B 169 -8.67 1.14 23.87
C PHE B 169 -8.51 1.96 25.16
N SER B 170 -7.26 2.29 25.50
CA SER B 170 -6.96 3.07 26.70
C SER B 170 -7.33 4.53 26.50
N LYS B 171 -7.43 4.96 25.25
CA LYS B 171 -7.86 6.31 24.93
C LYS B 171 -9.10 6.32 24.05
N ILE B 172 -9.87 7.40 24.15
CA ILE B 172 -11.04 7.61 23.28
C ILE B 172 -10.88 8.92 22.52
N VAL B 173 -11.46 8.99 21.34
CA VAL B 173 -11.42 10.20 20.52
C VAL B 173 -12.82 10.79 20.47
N ILE B 174 -12.94 11.99 21.03
CA ILE B 174 -14.24 12.60 21.26
C ILE B 174 -14.28 14.05 20.82
N GLU B 175 -15.49 14.60 20.73
CA GLU B 175 -15.66 16.02 20.52
C GLU B 175 -16.31 16.63 21.76
N GLU B 176 -15.57 17.53 22.41
CA GLU B 176 -16.06 18.33 23.53
C GLU B 176 -15.82 19.79 23.15
N ASN B 177 -16.89 20.58 23.08
CA ASN B 177 -16.82 22.01 22.75
C ASN B 177 -16.25 22.29 21.35
N GLY B 178 -16.76 21.55 20.37
CA GLY B 178 -16.36 21.72 18.96
C GLY B 178 -14.90 21.39 18.64
N GLU B 179 -14.18 20.82 19.60
CA GLU B 179 -12.81 20.42 19.35
C GLU B 179 -12.57 18.94 19.62
N VAL B 180 -11.68 18.35 18.82
CA VAL B 180 -11.40 16.93 18.85
C VAL B 180 -10.34 16.63 19.91
N LYS B 181 -10.70 15.81 20.88
CA LYS B 181 -9.81 15.49 21.98
C LYS B 181 -9.50 14.00 22.04
N VAL B 182 -8.25 13.69 22.34
CA VAL B 182 -7.81 12.32 22.60
C VAL B 182 -7.58 12.22 24.10
N VAL B 183 -8.55 11.64 24.80
CA VAL B 183 -8.55 11.62 26.26
C VAL B 183 -8.54 10.18 26.77
N ASP B 184 -8.28 10.02 28.06
CA ASP B 184 -8.26 8.69 28.68
C ASP B 184 -9.65 8.06 28.63
N ASN B 185 -9.68 6.74 28.52
CA ASN B 185 -10.94 5.98 28.51
C ASN B 185 -11.34 5.61 29.94
N PRO B 186 -12.44 6.22 30.45
CA PRO B 186 -12.90 5.95 31.82
C PRO B 186 -13.37 4.51 32.02
N ARG B 187 -13.88 3.88 30.96
CA ARG B 187 -14.31 2.49 31.01
C ARG B 187 -13.14 1.50 30.84
N TRP B 188 -11.93 2.05 30.73
CA TRP B 188 -10.70 1.27 30.77
C TRP B 188 -10.26 1.15 32.23
#